data_1UNB
#
_entry.id   1UNB
#
_cell.length_a   106.700
_cell.length_b   106.700
_cell.length_c   71.600
_cell.angle_alpha   90.00
_cell.angle_beta   90.00
_cell.angle_gamma   120.00
#
_symmetry.space_group_name_H-M   'H 3'
#
loop_
_entity.id
_entity.type
_entity.pdbx_description
1 polymer 'DEACETOXYCEPHALOSPORIN C SYNTHETASE'
2 non-polymer 'FE (II) ION'
3 non-polymer '2-OXOGLUTARIC ACID'
4 non-polymer '(2S,6R)-6-{[(2R)-2-AMINO-2-PHENYLETHANOYL]AMINO}-3,3-DIMETHYL-7-OXO-4-THIA-1-AZABICYCLO[3.2.0]HEPTANE-2-CARBOXYLIC ACID'
5 water water
#
_entity_poly.entity_id   1
_entity_poly.type   'polypeptide(L)'
_entity_poly.pdbx_seq_one_letter_code
;MDTTVPTFSLAELQQGLHQDEFRRCLRDKGLFYLTDCGLTDTELKSAKDLVIDFFEHGSEAEKRAVTSPVPTMRRGFTGL
ESESTAQITNTGSYSDYSMCYSMGTADNLFPSGDFERIWTQYFDRQYTASRAVAREVLRATGTEPDGGVEAFLDCEPLLR
FRYFPQVPEHRSAEEQPLRMAPHYDLSMVTLIQQTPCANGFVSLQAEVGGAFTDLPYRPDAVLVFCGAIATLVTGGQVKA
PRHHVAAPRRDQIAGSSRTSSVFFLRPNADFTFSVPLARECGFDVSLDGETATFQDWIGGNYVNIRRTSKA
;
_entity_poly.pdbx_strand_id   A
#
# COMPACT_ATOMS: atom_id res chain seq x y z
N MET A 1 -5.08 26.17 0.39
CA MET A 1 -5.53 24.74 0.48
C MET A 1 -6.05 24.29 1.87
N ASP A 2 -7.23 23.70 1.84
CA ASP A 2 -7.68 22.84 2.92
C ASP A 2 -6.64 21.72 2.93
N THR A 3 -5.95 21.48 4.04
CA THR A 3 -5.07 20.30 4.16
C THR A 3 -5.72 19.08 4.79
N THR A 4 -7.03 19.06 4.71
CA THR A 4 -7.72 17.89 5.24
C THR A 4 -7.57 16.76 4.25
N VAL A 5 -7.23 15.62 4.79
CA VAL A 5 -7.24 14.37 4.02
C VAL A 5 -8.70 13.98 3.77
N PRO A 6 -9.11 13.97 2.52
CA PRO A 6 -10.50 13.69 2.20
C PRO A 6 -10.86 12.22 2.29
N THR A 7 -12.14 11.96 2.29
CA THR A 7 -12.67 10.63 2.14
C THR A 7 -13.64 10.56 0.95
N PHE A 8 -13.53 9.47 0.14
CA PHE A 8 -14.47 9.18 -0.91
C PHE A 8 -15.02 7.77 -0.75
N SER A 9 -16.32 7.66 -1.07
CA SER A 9 -17.02 6.37 -1.20
C SER A 9 -16.69 5.88 -2.62
N LEU A 10 -16.13 4.66 -2.68
CA LEU A 10 -15.82 4.08 -3.98
C LEU A 10 -17.13 3.96 -4.76
N ALA A 11 -18.19 3.54 -4.06
CA ALA A 11 -19.46 3.36 -4.79
C ALA A 11 -19.94 4.65 -5.43
N GLU A 12 -19.80 5.77 -4.72
CA GLU A 12 -20.15 7.03 -5.32
C GLU A 12 -19.30 7.50 -6.51
N LEU A 13 -17.99 7.28 -6.42
CA LEU A 13 -17.09 7.64 -7.48
C LEU A 13 -17.44 6.85 -8.75
N GLN A 14 -17.75 5.59 -8.54
CA GLN A 14 -18.08 4.66 -9.67
C GLN A 14 -19.37 5.14 -10.33
N GLN A 15 -20.25 5.83 -9.56
CA GLN A 15 -21.46 6.42 -10.19
C GLN A 15 -21.29 7.82 -10.81
N GLY A 16 -20.07 8.33 -10.82
CA GLY A 16 -19.69 9.63 -11.41
C GLY A 16 -19.88 10.79 -10.47
N LEU A 17 -20.07 10.57 -9.18
CA LEU A 17 -20.16 11.69 -8.25
C LEU A 17 -18.74 12.22 -7.88
N HIS A 18 -18.69 13.47 -7.43
CA HIS A 18 -17.47 14.11 -6.90
C HIS A 18 -16.31 14.07 -7.85
N GLN A 19 -16.54 14.17 -9.15
CA GLN A 19 -15.47 14.11 -10.14
CA GLN A 19 -15.47 14.12 -10.13
C GLN A 19 -14.39 15.19 -9.90
N ASP A 20 -14.80 16.44 -9.68
CA ASP A 20 -13.80 17.50 -9.52
C ASP A 20 -13.06 17.38 -8.24
N GLU A 21 -13.75 17.07 -7.16
CA GLU A 21 -13.13 16.93 -5.88
C GLU A 21 -12.08 15.80 -5.97
N PHE A 22 -12.47 14.67 -6.60
CA PHE A 22 -11.54 13.54 -6.66
C PHE A 22 -10.30 13.91 -7.48
N ARG A 23 -10.52 14.50 -8.64
CA ARG A 23 -9.42 14.84 -9.52
CA ARG A 23 -9.42 14.86 -9.52
C ARG A 23 -8.50 15.87 -8.81
N ARG A 24 -9.06 16.85 -8.13
CA ARG A 24 -8.18 17.83 -7.50
CA ARG A 24 -8.22 17.84 -7.45
C ARG A 24 -7.39 17.17 -6.32
N CYS A 25 -8.04 16.27 -5.56
CA CYS A 25 -7.42 15.45 -4.52
C CYS A 25 -6.21 14.72 -5.11
N LEU A 26 -6.42 14.01 -6.21
CA LEU A 26 -5.27 13.27 -6.82
C LEU A 26 -4.12 14.18 -7.18
N ARG A 27 -4.39 15.32 -7.83
CA ARG A 27 -3.36 16.28 -8.26
C ARG A 27 -2.63 16.92 -7.07
N ASP A 28 -3.37 17.32 -6.02
CA ASP A 28 -2.82 18.25 -5.04
C ASP A 28 -2.38 17.53 -3.77
N LYS A 29 -2.90 16.31 -3.51
CA LYS A 29 -2.68 15.53 -2.30
C LYS A 29 -2.13 14.10 -2.53
N GLY A 30 -2.84 13.38 -3.42
CA GLY A 30 -2.43 12.03 -3.79
C GLY A 30 -2.69 10.99 -2.70
N LEU A 31 -3.59 11.33 -1.77
CA LEU A 31 -4.02 10.39 -0.76
C LEU A 31 -5.44 10.73 -0.30
N PHE A 32 -6.08 9.71 0.21
CA PHE A 32 -7.46 9.82 0.65
C PHE A 32 -7.89 8.59 1.35
N TYR A 33 -8.90 8.72 2.14
CA TYR A 33 -9.60 7.51 2.68
C TYR A 33 -10.71 7.07 1.72
N LEU A 34 -10.97 5.76 1.70
CA LEU A 34 -11.92 5.19 0.75
C LEU A 34 -12.93 4.34 1.55
N THR A 35 -14.19 4.71 1.51
CA THR A 35 -15.27 3.88 2.04
C THR A 35 -16.00 3.10 0.98
N ASP A 36 -16.88 2.16 1.44
CA ASP A 36 -17.82 1.54 0.45
C ASP A 36 -17.04 0.77 -0.66
N CYS A 37 -15.99 0.09 -0.20
CA CYS A 37 -15.08 -0.65 -1.11
C CYS A 37 -14.96 -2.12 -0.79
N GLY A 38 -15.81 -2.63 0.07
CA GLY A 38 -15.80 -4.05 0.42
C GLY A 38 -14.76 -4.44 1.49
N LEU A 39 -14.16 -3.47 2.18
CA LEU A 39 -13.17 -3.74 3.21
C LEU A 39 -13.59 -3.40 4.64
N THR A 40 -14.20 -4.34 5.37
CA THR A 40 -14.79 -4.01 6.69
C THR A 40 -13.72 -4.13 7.73
N ASP A 41 -13.95 -3.50 8.86
CA ASP A 41 -13.21 -3.81 10.07
C ASP A 41 -13.39 -5.29 10.45
N THR A 42 -14.56 -5.85 10.18
CA THR A 42 -14.80 -7.19 10.69
C THR A 42 -13.78 -8.21 10.13
N GLU A 43 -13.64 -8.23 8.80
CA GLU A 43 -12.60 -8.98 8.09
C GLU A 43 -11.15 -8.62 8.43
N LEU A 44 -10.79 -7.35 8.40
CA LEU A 44 -9.51 -6.99 9.01
C LEU A 44 -9.37 -7.77 10.34
N LYS A 45 -10.36 -7.72 11.23
CA LYS A 45 -10.15 -8.33 12.55
C LYS A 45 -9.98 -9.88 12.43
N SER A 46 -10.67 -10.52 11.49
CA SER A 46 -10.59 -11.98 11.31
C SER A 46 -9.24 -12.46 10.72
N ALA A 47 -8.72 -11.70 9.76
CA ALA A 47 -7.40 -11.99 9.19
C ALA A 47 -6.33 -11.62 10.21
N LYS A 48 -6.51 -10.50 10.87
CA LYS A 48 -5.66 -10.02 11.91
C LYS A 48 -5.61 -11.01 13.07
N ASP A 49 -6.76 -11.54 13.46
CA ASP A 49 -6.83 -12.53 14.51
C ASP A 49 -6.01 -13.75 14.26
N LEU A 50 -6.19 -14.36 13.09
CA LEU A 50 -5.49 -15.59 12.82
C LEU A 50 -3.99 -15.39 12.63
N VAL A 51 -3.53 -14.26 12.11
CA VAL A 51 -2.10 -14.10 11.95
C VAL A 51 -1.39 -13.74 13.25
N ILE A 52 -2.10 -13.01 14.11
CA ILE A 52 -1.53 -12.58 15.39
C ILE A 52 -1.38 -13.79 16.26
N ASP A 53 -2.33 -14.72 16.17
CA ASP A 53 -2.18 -16.02 16.84
C ASP A 53 -0.97 -16.81 16.37
N PHE A 54 -0.77 -16.82 15.06
CA PHE A 54 0.42 -17.44 14.51
C PHE A 54 1.66 -16.76 15.03
N PHE A 55 1.71 -15.40 15.06
CA PHE A 55 2.92 -14.65 15.45
C PHE A 55 3.31 -14.94 16.95
N GLU A 56 2.30 -14.98 17.78
CA GLU A 56 2.50 -15.15 19.22
C GLU A 56 2.71 -16.62 19.56
N HIS A 57 1.97 -17.51 18.93
CA HIS A 57 1.81 -18.92 19.38
C HIS A 57 2.30 -19.99 18.38
N GLY A 58 2.74 -19.58 17.19
CA GLY A 58 3.25 -20.56 16.25
C GLY A 58 4.63 -20.92 16.73
N SER A 59 5.04 -22.16 16.52
CA SER A 59 6.33 -22.65 17.02
C SER A 59 7.39 -22.29 16.02
N GLU A 60 8.67 -22.38 16.44
CA GLU A 60 9.83 -22.18 15.57
C GLU A 60 9.69 -23.01 14.31
N ALA A 61 9.26 -24.27 14.49
CA ALA A 61 9.15 -25.22 13.41
C ALA A 61 8.02 -24.82 12.42
N GLU A 62 6.87 -24.47 12.96
CA GLU A 62 5.79 -23.96 12.12
C GLU A 62 6.16 -22.67 11.40
N LYS A 63 6.85 -21.75 12.07
CA LYS A 63 7.36 -20.54 11.41
C LYS A 63 8.31 -20.87 10.26
N ARG A 64 9.27 -21.78 10.51
CA ARG A 64 10.24 -22.24 9.53
C ARG A 64 9.54 -22.74 8.28
N ALA A 65 8.45 -23.43 8.49
CA ALA A 65 7.82 -24.07 7.38
C ALA A 65 7.12 -23.10 6.47
N VAL A 66 6.90 -21.89 6.95
CA VAL A 66 6.40 -20.84 6.06
C VAL A 66 7.29 -19.65 5.92
N THR A 67 8.60 -19.90 6.05
CA THR A 67 9.64 -18.91 5.82
C THR A 67 10.35 -19.22 4.49
N SER A 68 10.48 -18.22 3.63
CA SER A 68 11.22 -18.40 2.37
C SER A 68 12.70 -18.57 2.67
N PRO A 69 13.43 -19.30 1.82
CA PRO A 69 14.86 -19.52 2.06
C PRO A 69 15.74 -18.28 1.89
N VAL A 70 15.24 -17.29 1.18
CA VAL A 70 15.89 -15.97 1.10
C VAL A 70 14.95 -15.01 1.83
N PRO A 71 15.51 -14.21 2.72
CA PRO A 71 14.70 -13.35 3.58
C PRO A 71 14.23 -12.04 2.87
N THR A 72 13.34 -12.16 1.88
CA THR A 72 12.91 -11.02 1.08
C THR A 72 11.60 -10.36 1.51
N MET A 73 10.87 -10.99 2.42
CA MET A 73 9.52 -10.51 2.81
C MET A 73 8.56 -10.51 1.62
N ARG A 74 8.76 -11.40 0.69
CA ARG A 74 7.83 -11.54 -0.43
C ARG A 74 6.66 -12.44 -0.15
N ARG A 75 6.89 -13.60 0.53
CA ARG A 75 5.88 -14.58 0.83
C ARG A 75 6.22 -15.15 2.21
N GLY A 76 5.18 -15.45 2.94
CA GLY A 76 5.33 -16.14 4.19
C GLY A 76 5.71 -15.24 5.29
N PHE A 77 6.34 -15.85 6.27
CA PHE A 77 6.67 -15.21 7.53
C PHE A 77 8.07 -14.62 7.53
N THR A 78 8.26 -13.46 8.14
CA THR A 78 9.56 -12.81 8.29
C THR A 78 9.57 -12.38 9.73
N GLY A 79 10.41 -13.02 10.53
CA GLY A 79 10.74 -12.48 11.82
C GLY A 79 11.69 -11.32 11.51
N LEU A 80 11.46 -10.18 12.14
CA LEU A 80 12.11 -8.93 11.67
C LEU A 80 11.75 -7.67 12.47
N THR A 91 22.18 -11.72 21.26
CA THR A 91 21.12 -12.59 21.80
C THR A 91 19.75 -11.93 21.56
N GLY A 92 18.80 -12.75 21.14
CA GLY A 92 17.51 -12.30 20.63
C GLY A 92 17.34 -12.63 19.15
N SER A 93 16.40 -11.93 18.53
CA SER A 93 15.90 -12.26 17.20
C SER A 93 15.64 -10.97 16.39
N TYR A 94 15.69 -11.08 15.05
CA TYR A 94 15.23 -9.97 14.18
C TYR A 94 13.74 -9.61 14.39
N SER A 95 12.93 -10.58 14.83
CA SER A 95 11.48 -10.38 15.15
C SER A 95 11.19 -9.68 16.46
N ASP A 96 12.23 -9.36 17.22
CA ASP A 96 12.11 -8.56 18.44
C ASP A 96 11.49 -7.22 18.09
N TYR A 97 11.91 -6.66 16.95
CA TYR A 97 11.48 -5.34 16.48
C TYR A 97 10.09 -5.41 15.78
N SER A 98 9.75 -6.57 15.18
CA SER A 98 8.55 -6.66 14.32
C SER A 98 8.44 -7.99 13.58
N MET A 99 7.23 -8.43 13.31
CA MET A 99 7.05 -9.62 12.49
C MET A 99 6.17 -9.28 11.28
N CYS A 100 6.39 -10.00 10.20
CA CYS A 100 5.67 -9.77 8.93
CA CYS A 100 5.65 -9.77 8.94
C CYS A 100 5.09 -11.05 8.37
N TYR A 101 3.96 -10.93 7.66
CA TYR A 101 3.33 -11.95 6.86
C TYR A 101 3.01 -11.39 5.50
N SER A 102 3.56 -12.01 4.46
CA SER A 102 3.41 -11.52 3.08
C SER A 102 2.74 -12.55 2.17
N MET A 103 1.95 -12.02 1.25
CA MET A 103 1.28 -12.87 0.26
C MET A 103 1.05 -12.16 -1.10
N GLY A 104 0.76 -12.94 -2.14
CA GLY A 104 0.49 -12.45 -3.47
C GLY A 104 -0.61 -13.28 -4.07
N THR A 105 -0.75 -13.21 -5.41
CA THR A 105 -1.73 -14.01 -6.08
C THR A 105 -1.33 -15.50 -6.16
N ALA A 106 -0.07 -15.85 -5.98
CA ALA A 106 0.39 -17.25 -6.00
C ALA A 106 1.71 -17.41 -5.26
N ASP A 107 2.18 -18.63 -5.20
CA ASP A 107 3.39 -18.95 -4.45
C ASP A 107 3.32 -18.60 -2.98
N ASN A 108 2.17 -18.79 -2.44
CA ASN A 108 1.96 -18.41 -1.06
C ASN A 108 2.37 -19.53 -0.06
N LEU A 109 2.63 -19.13 1.19
CA LEU A 109 3.05 -20.08 2.21
C LEU A 109 2.09 -19.84 3.36
N PHE A 110 1.28 -20.84 3.66
CA PHE A 110 0.18 -20.70 4.61
C PHE A 110 0.40 -21.69 5.77
N PRO A 111 0.28 -21.24 7.04
CA PRO A 111 0.39 -22.07 8.25
C PRO A 111 -0.69 -23.12 8.44
N SER A 112 -1.85 -22.93 7.81
CA SER A 112 -2.84 -24.03 7.83
C SER A 112 -3.99 -23.77 6.89
N GLY A 113 -4.81 -24.78 6.70
CA GLY A 113 -5.99 -24.62 5.85
C GLY A 113 -6.93 -23.52 6.28
N ASP A 114 -7.06 -23.33 7.62
CA ASP A 114 -7.89 -22.21 8.07
C ASP A 114 -7.33 -20.85 7.81
N PHE A 115 -6.06 -20.69 8.07
CA PHE A 115 -5.36 -19.45 7.72
C PHE A 115 -5.48 -19.18 6.22
N GLU A 116 -5.21 -20.15 5.38
CA GLU A 116 -5.31 -20.03 3.91
C GLU A 116 -6.68 -19.55 3.44
N ARG A 117 -7.74 -20.20 3.92
CA ARG A 117 -9.07 -19.72 3.54
C ARG A 117 -9.28 -18.26 3.88
N ILE A 118 -8.97 -17.87 5.10
CA ILE A 118 -9.22 -16.50 5.60
C ILE A 118 -8.35 -15.51 4.80
N TRP A 119 -7.07 -15.87 4.63
CA TRP A 119 -6.16 -14.94 4.04
C TRP A 119 -6.34 -14.82 2.52
N THR A 120 -6.77 -15.90 1.88
CA THR A 120 -7.05 -15.82 0.47
C THR A 120 -8.22 -14.86 0.17
N GLN A 121 -9.27 -15.04 0.94
CA GLN A 121 -10.40 -14.17 0.84
C GLN A 121 -10.02 -12.68 1.13
N TYR A 122 -9.21 -12.44 2.16
CA TYR A 122 -8.82 -11.11 2.54
C TYR A 122 -7.99 -10.50 1.43
N PHE A 123 -7.00 -11.30 0.95
CA PHE A 123 -6.24 -10.83 -0.19
C PHE A 123 -7.10 -10.44 -1.40
N ASP A 124 -8.04 -11.31 -1.76
CA ASP A 124 -8.83 -11.06 -2.92
C ASP A 124 -9.64 -9.79 -2.77
N ARG A 125 -10.20 -9.58 -1.61
CA ARG A 125 -10.97 -8.34 -1.33
C ARG A 125 -10.09 -7.10 -1.46
N GLN A 126 -8.86 -7.18 -0.98
CA GLN A 126 -7.97 -6.02 -1.10
CA GLN A 126 -7.87 -6.10 -1.07
C GLN A 126 -7.53 -5.81 -2.53
N TYR A 127 -7.32 -6.88 -3.29
CA TYR A 127 -6.86 -6.78 -4.63
C TYR A 127 -7.99 -6.19 -5.52
N THR A 128 -9.23 -6.61 -5.24
CA THR A 128 -10.39 -6.11 -5.98
C THR A 128 -10.55 -4.61 -5.71
N ALA A 129 -10.52 -4.21 -4.43
CA ALA A 129 -10.65 -2.79 -4.07
C ALA A 129 -9.57 -1.91 -4.68
N SER A 130 -8.33 -2.44 -4.67
CA SER A 130 -7.18 -1.75 -5.23
CA SER A 130 -7.19 -1.73 -5.23
C SER A 130 -7.33 -1.52 -6.73
N ARG A 131 -7.68 -2.60 -7.47
CA ARG A 131 -7.97 -2.49 -8.90
CA ARG A 131 -7.94 -2.43 -8.89
C ARG A 131 -9.10 -1.44 -9.16
N ALA A 132 -10.12 -1.52 -8.34
CA ALA A 132 -11.30 -0.70 -8.52
C ALA A 132 -10.96 0.81 -8.31
N VAL A 133 -10.18 1.08 -7.24
CA VAL A 133 -9.85 2.50 -7.02
C VAL A 133 -8.87 2.99 -8.11
N ALA A 134 -7.94 2.12 -8.50
CA ALA A 134 -7.09 2.43 -9.60
C ALA A 134 -7.80 2.70 -10.93
N ARG A 135 -8.84 1.96 -11.21
CA ARG A 135 -9.64 2.19 -12.37
C ARG A 135 -10.27 3.58 -12.32
N GLU A 136 -10.70 4.01 -11.15
CA GLU A 136 -11.19 5.36 -10.97
C GLU A 136 -10.16 6.42 -11.09
N VAL A 137 -8.92 6.17 -10.64
CA VAL A 137 -7.87 7.16 -10.80
C VAL A 137 -7.62 7.29 -12.30
N LEU A 138 -7.60 6.21 -13.05
CA LEU A 138 -7.28 6.28 -14.44
C LEU A 138 -8.44 6.99 -15.20
N ARG A 139 -9.65 6.60 -14.93
CA ARG A 139 -10.80 7.30 -15.52
C ARG A 139 -10.83 8.79 -15.20
N ALA A 140 -10.65 9.15 -13.93
CA ALA A 140 -10.64 10.58 -13.49
C ALA A 140 -9.64 11.42 -14.26
N THR A 141 -8.53 10.83 -14.74
CA THR A 141 -7.44 11.55 -15.36
C THR A 141 -7.42 11.33 -16.87
N GLY A 142 -8.44 10.65 -17.39
CA GLY A 142 -8.51 10.36 -18.81
C GLY A 142 -7.36 9.50 -19.36
N THR A 143 -6.90 8.56 -18.52
CA THR A 143 -5.70 7.79 -18.84
C THR A 143 -5.97 6.40 -19.34
N GLU A 144 -5.47 6.08 -20.54
CA GLU A 144 -5.43 4.76 -21.12
C GLU A 144 -4.01 4.28 -21.15
N PRO A 145 -3.63 3.38 -20.25
CA PRO A 145 -2.28 2.84 -20.29
C PRO A 145 -2.02 2.13 -21.58
N ASP A 146 -0.79 2.15 -22.07
CA ASP A 146 -0.31 1.35 -23.18
C ASP A 146 -0.72 -0.04 -22.85
N GLY A 147 -1.42 -0.66 -23.77
CA GLY A 147 -1.80 -2.02 -23.64
C GLY A 147 -3.22 -2.12 -23.05
N GLY A 148 -3.83 -1.02 -22.62
CA GLY A 148 -5.17 -0.96 -22.07
C GLY A 148 -5.21 -1.13 -20.54
N VAL A 149 -6.33 -0.70 -19.98
CA VAL A 149 -6.59 -0.67 -18.54
C VAL A 149 -6.59 -1.99 -17.90
N GLU A 150 -7.29 -2.95 -18.41
CA GLU A 150 -7.40 -4.22 -17.69
C GLU A 150 -6.09 -5.02 -17.67
N ALA A 151 -5.31 -4.99 -18.74
CA ALA A 151 -3.98 -5.65 -18.74
C ALA A 151 -3.07 -4.97 -17.76
N PHE A 152 -3.25 -3.67 -17.62
CA PHE A 152 -2.40 -2.90 -16.66
C PHE A 152 -2.72 -3.28 -15.19
N LEU A 153 -3.98 -3.51 -14.91
CA LEU A 153 -4.41 -3.73 -13.55
C LEU A 153 -4.30 -5.21 -13.08
N ASP A 154 -4.16 -6.13 -14.04
CA ASP A 154 -3.92 -7.55 -13.80
C ASP A 154 -2.41 -7.66 -13.68
N CYS A 155 -1.92 -7.54 -12.47
CA CYS A 155 -0.55 -7.02 -12.24
C CYS A 155 0.14 -7.90 -11.22
N GLU A 156 1.00 -7.30 -10.39
CA GLU A 156 1.90 -8.04 -9.46
C GLU A 156 1.78 -7.51 -8.06
N PRO A 157 0.61 -7.63 -7.47
CA PRO A 157 0.36 -7.11 -6.09
C PRO A 157 1.17 -7.84 -5.06
N LEU A 158 1.42 -7.12 -3.98
CA LEU A 158 2.05 -7.69 -2.81
C LEU A 158 1.28 -7.14 -1.59
N LEU A 159 0.90 -8.02 -0.70
CA LEU A 159 0.26 -7.71 0.58
C LEU A 159 1.23 -7.99 1.73
N ARG A 160 1.51 -7.04 2.60
CA ARG A 160 2.31 -7.28 3.79
C ARG A 160 1.55 -6.79 5.05
N PHE A 161 1.43 -7.72 5.97
CA PHE A 161 0.90 -7.43 7.26
C PHE A 161 2.01 -7.45 8.29
N ARG A 162 2.10 -6.38 9.08
N ARG A 162 2.15 -6.36 9.03
CA ARG A 162 3.27 -6.16 9.93
CA ARG A 162 3.22 -6.28 10.01
C ARG A 162 2.85 -5.79 11.34
C ARG A 162 2.62 -6.04 11.36
N TYR A 163 3.30 -6.60 12.34
CA TYR A 163 3.03 -6.33 13.79
C TYR A 163 4.25 -5.65 14.35
N PHE A 164 4.03 -4.51 15.03
CA PHE A 164 5.08 -3.68 15.61
C PHE A 164 4.84 -3.82 17.14
N PRO A 165 5.79 -4.37 17.89
CA PRO A 165 5.83 -4.24 19.35
C PRO A 165 5.88 -2.81 19.86
N GLN A 166 5.56 -2.67 21.13
CA GLN A 166 5.78 -1.40 21.79
C GLN A 166 7.28 -1.27 22.06
N LEU A 178 12.22 6.44 14.05
CA LEU A 178 10.96 6.82 13.42
C LEU A 178 10.05 5.64 13.44
N ARG A 179 10.55 4.50 12.97
CA ARG A 179 9.80 3.26 12.80
C ARG A 179 9.93 3.05 11.31
N MET A 180 9.51 4.06 10.50
CA MET A 180 9.67 4.01 9.05
C MET A 180 10.08 5.37 8.53
N ALA A 181 11.22 5.47 7.86
CA ALA A 181 11.71 6.74 7.36
C ALA A 181 10.84 7.30 6.21
N PRO A 182 10.93 8.58 5.97
CA PRO A 182 10.09 9.19 4.93
C PRO A 182 10.39 8.65 3.55
N HIS A 183 9.32 8.39 2.82
CA HIS A 183 9.43 7.78 1.52
C HIS A 183 8.18 8.03 0.79
N TYR A 184 8.24 7.88 -0.54
CA TYR A 184 7.03 7.68 -1.32
C TYR A 184 6.99 6.27 -1.85
N ASP A 185 5.77 5.79 -2.26
CA ASP A 185 5.66 4.37 -2.71
C ASP A 185 5.84 4.40 -4.21
N LEU A 186 6.27 3.28 -4.74
CA LEU A 186 6.49 3.16 -6.19
C LEU A 186 5.39 2.29 -6.80
N SER A 187 4.29 2.14 -6.13
CA SER A 187 3.10 1.42 -6.61
C SER A 187 2.26 2.32 -7.52
N MET A 188 1.22 1.75 -8.17
CA MET A 188 0.15 2.50 -8.75
C MET A 188 -0.65 3.13 -7.58
N VAL A 189 -1.24 2.30 -6.72
CA VAL A 189 -1.81 2.71 -5.45
C VAL A 189 -1.41 1.75 -4.38
N THR A 190 -1.48 2.22 -3.12
CA THR A 190 -1.24 1.40 -1.94
C THR A 190 -2.43 1.54 -0.99
N LEU A 191 -2.97 0.44 -0.51
CA LEU A 191 -4.15 0.43 0.39
C LEU A 191 -3.61 0.02 1.77
N ILE A 192 -3.98 0.83 2.80
CA ILE A 192 -3.48 0.59 4.12
C ILE A 192 -4.64 0.44 5.10
N GLN A 193 -4.70 -0.69 5.75
CA GLN A 193 -5.61 -0.89 6.90
C GLN A 193 -4.74 -0.96 8.14
N GLN A 194 -5.07 -0.21 9.16
CA GLN A 194 -4.31 -0.23 10.41
C GLN A 194 -5.19 -0.67 11.51
N THR A 195 -4.56 -1.08 12.59
CA THR A 195 -5.27 -1.17 13.85
C THR A 195 -4.65 -0.08 14.72
N PRO A 196 -5.51 0.52 15.57
CA PRO A 196 -5.04 1.63 16.42
C PRO A 196 -4.15 1.19 17.57
N CYS A 197 -3.33 2.14 18.05
CA CYS A 197 -2.62 1.99 19.32
C CYS A 197 -3.66 2.08 20.44
N ALA A 198 -3.59 1.15 21.41
CA ALA A 198 -4.45 1.17 22.60
C ALA A 198 -4.48 2.55 23.27
N ASN A 199 -3.30 3.16 23.37
CA ASN A 199 -3.13 4.51 23.98
C ASN A 199 -3.47 5.74 23.11
N GLY A 200 -3.97 5.55 21.89
CA GLY A 200 -4.41 6.64 21.01
C GLY A 200 -3.37 7.33 20.11
N PHE A 201 -2.09 6.98 20.23
CA PHE A 201 -1.04 7.61 19.43
C PHE A 201 -1.29 7.32 17.91
N VAL A 202 -1.01 8.29 17.09
CA VAL A 202 -1.25 8.19 15.61
C VAL A 202 0.14 8.17 14.98
N SER A 203 0.53 6.96 14.57
CA SER A 203 1.86 6.71 14.04
C SER A 203 2.08 7.12 12.56
N LEU A 204 1.10 6.86 11.70
CA LEU A 204 1.24 7.14 10.28
C LEU A 204 1.00 8.62 9.98
N GLN A 205 1.91 9.22 9.24
CA GLN A 205 1.90 10.64 8.88
CA GLN A 205 1.84 10.64 8.86
C GLN A 205 2.25 10.83 7.40
N ALA A 206 1.68 11.80 6.76
CA ALA A 206 2.01 12.13 5.41
C ALA A 206 2.10 13.61 5.20
N GLU A 207 2.84 14.00 4.19
CA GLU A 207 2.99 15.42 3.89
C GLU A 207 1.71 15.84 3.15
N VAL A 208 1.01 16.86 3.65
CA VAL A 208 -0.16 17.46 3.00
C VAL A 208 -0.05 18.98 3.23
N GLY A 209 -0.01 19.73 2.14
CA GLY A 209 0.19 21.17 2.28
C GLY A 209 1.50 21.52 2.91
N GLY A 210 2.50 20.71 2.66
CA GLY A 210 3.85 20.98 3.14
C GLY A 210 4.02 20.69 4.62
N ALA A 211 3.04 20.07 5.24
CA ALA A 211 3.13 19.74 6.65
C ALA A 211 2.67 18.29 6.89
N PHE A 212 3.17 17.72 7.97
CA PHE A 212 2.85 16.37 8.39
C PHE A 212 1.54 16.25 9.03
N THR A 213 0.67 15.54 8.35
CA THR A 213 -0.73 15.33 8.76
C THR A 213 -0.93 13.87 9.31
N ASP A 214 -1.58 13.75 10.47
CA ASP A 214 -1.95 12.46 11.01
C ASP A 214 -2.79 11.63 10.04
N LEU A 215 -2.56 10.29 9.98
CA LEU A 215 -3.40 9.41 9.20
C LEU A 215 -3.88 8.30 10.13
N PRO A 216 -4.91 8.57 10.92
CA PRO A 216 -5.39 7.59 11.90
C PRO A 216 -6.22 6.47 11.28
N TYR A 217 -6.27 5.37 12.00
CA TYR A 217 -7.26 4.32 11.76
C TYR A 217 -8.64 4.88 11.68
N ARG A 218 -9.40 4.40 10.71
CA ARG A 218 -10.82 4.66 10.52
C ARG A 218 -11.54 3.33 10.33
N PRO A 219 -12.50 3.00 11.18
CA PRO A 219 -12.98 1.60 11.19
C PRO A 219 -13.75 1.27 9.90
N ASP A 220 -14.21 2.30 9.25
CA ASP A 220 -15.08 2.15 8.13
C ASP A 220 -14.40 2.42 6.75
N ALA A 221 -13.10 2.61 6.80
CA ALA A 221 -12.46 3.06 5.59
C ALA A 221 -11.01 2.53 5.50
N VAL A 222 -10.52 2.43 4.27
CA VAL A 222 -9.10 2.16 3.98
C VAL A 222 -8.37 3.43 3.55
N LEU A 223 -7.08 3.55 3.87
CA LEU A 223 -6.31 4.72 3.42
C LEU A 223 -5.68 4.36 2.13
N VAL A 224 -5.80 5.20 1.13
CA VAL A 224 -5.17 5.04 -0.18
C VAL A 224 -4.07 6.06 -0.32
N PHE A 225 -2.86 5.58 -0.61
CA PHE A 225 -1.77 6.46 -1.07
C PHE A 225 -1.62 6.18 -2.61
N CYS A 226 -1.50 7.21 -3.39
CA CYS A 226 -1.07 7.09 -4.76
C CYS A 226 0.44 6.94 -4.76
N GLY A 227 0.92 6.09 -5.63
CA GLY A 227 2.30 5.88 -5.76
C GLY A 227 2.83 6.45 -7.10
N ALA A 228 4.12 6.34 -7.24
CA ALA A 228 4.81 6.97 -8.36
C ALA A 228 4.37 6.39 -9.71
N ILE A 229 3.88 5.16 -9.73
CA ILE A 229 3.36 4.60 -11.01
C ILE A 229 2.08 5.32 -11.39
N ALA A 230 1.29 5.81 -10.43
CA ALA A 230 0.10 6.59 -10.82
C ALA A 230 0.55 7.90 -11.43
N THR A 231 1.60 8.54 -10.85
CA THR A 231 2.12 9.75 -11.42
C THR A 231 2.55 9.50 -12.86
N LEU A 232 3.31 8.43 -13.05
CA LEU A 232 3.90 8.06 -14.35
C LEU A 232 2.83 7.82 -15.40
N VAL A 233 1.93 6.90 -15.06
CA VAL A 233 0.97 6.46 -16.07
C VAL A 233 0.02 7.57 -16.50
N THR A 234 -0.31 8.48 -15.57
CA THR A 234 -1.27 9.56 -15.83
C THR A 234 -0.52 10.76 -16.41
N GLY A 235 0.80 10.70 -16.63
CA GLY A 235 1.43 11.91 -17.17
C GLY A 235 1.53 13.02 -16.17
N GLY A 236 1.60 12.71 -14.86
CA GLY A 236 1.82 13.70 -13.86
C GLY A 236 0.59 14.32 -13.31
N GLN A 237 -0.56 13.68 -13.47
CA GLN A 237 -1.83 14.22 -12.98
C GLN A 237 -2.11 13.78 -11.54
N VAL A 238 -1.23 12.93 -11.03
CA VAL A 238 -1.45 12.37 -9.72
C VAL A 238 -0.10 12.56 -8.94
N LYS A 239 -0.22 13.12 -7.75
CA LYS A 239 0.85 13.24 -6.73
C LYS A 239 1.09 11.91 -6.00
N ALA A 240 2.36 11.57 -5.79
CA ALA A 240 2.81 10.51 -4.93
C ALA A 240 3.37 11.09 -3.62
N PRO A 241 2.57 11.14 -2.56
CA PRO A 241 3.02 11.82 -1.35
C PRO A 241 4.00 11.05 -0.55
N ARG A 242 4.87 11.82 0.07
CA ARG A 242 5.75 11.31 1.06
C ARG A 242 5.01 11.03 2.39
N HIS A 243 5.44 9.98 3.05
CA HIS A 243 4.80 9.61 4.30
C HIS A 243 5.89 8.87 5.14
N HIS A 244 5.61 8.71 6.42
CA HIS A 244 6.56 8.08 7.37
C HIS A 244 5.78 7.53 8.53
N VAL A 245 6.39 6.72 9.38
CA VAL A 245 5.73 6.17 10.55
C VAL A 245 6.49 6.66 11.77
N ALA A 246 5.84 7.51 12.56
CA ALA A 246 6.35 7.96 13.84
C ALA A 246 6.28 6.94 15.03
N ALA A 247 7.10 7.30 16.00
CA ALA A 247 7.30 6.57 17.25
C ALA A 247 6.83 7.48 18.38
N PRO A 248 6.22 6.91 19.42
CA PRO A 248 5.76 7.71 20.58
C PRO A 248 6.80 8.54 21.38
N ARG A 249 6.29 9.34 22.33
CA ARG A 249 7.11 10.16 23.25
C ARG A 249 7.74 9.38 24.42
N ARG A 250 6.92 8.59 25.12
CA ARG A 250 7.28 7.92 26.41
C ARG A 250 6.06 8.03 27.34
N ASP A 251 5.49 9.23 27.42
CA ASP A 251 4.12 9.40 27.93
C ASP A 251 3.16 8.51 27.11
N GLN A 252 3.55 8.21 25.87
CA GLN A 252 2.77 7.40 24.95
C GLN A 252 3.45 6.07 24.53
N ILE A 253 4.51 5.64 25.22
CA ILE A 253 5.19 4.36 24.92
C ILE A 253 4.74 3.18 25.77
N ALA A 254 3.62 3.32 26.50
CA ALA A 254 2.88 2.16 27.00
C ALA A 254 1.62 2.02 26.12
N GLY A 255 1.43 0.84 25.54
CA GLY A 255 0.35 0.65 24.57
C GLY A 255 0.62 1.24 23.18
N SER A 256 1.89 1.25 22.78
CA SER A 256 2.29 1.85 21.52
C SER A 256 2.42 0.81 20.38
N SER A 257 2.22 -0.48 20.68
CA SER A 257 2.27 -1.48 19.60
C SER A 257 1.14 -1.22 18.59
N ARG A 258 1.30 -1.76 17.38
CA ARG A 258 0.33 -1.47 16.34
C ARG A 258 0.51 -2.49 15.20
N THR A 259 -0.48 -2.60 14.33
CA THR A 259 -0.33 -3.44 13.12
C THR A 259 -0.78 -2.64 11.92
N SER A 260 -0.27 -3.06 10.76
CA SER A 260 -0.74 -2.50 9.50
C SER A 260 -0.79 -3.57 8.42
N SER A 261 -1.84 -3.48 7.61
CA SER A 261 -1.96 -4.27 6.39
CA SER A 261 -1.97 -4.27 6.38
C SER A 261 -1.71 -3.35 5.23
N VAL A 262 -0.65 -3.60 4.48
CA VAL A 262 -0.22 -2.69 3.39
C VAL A 262 -0.32 -3.47 2.08
N PHE A 263 -1.20 -3.05 1.18
CA PHE A 263 -1.41 -3.69 -0.13
C PHE A 263 -0.85 -2.81 -1.23
N PHE A 264 0.23 -3.28 -1.90
CA PHE A 264 0.85 -2.60 -3.04
C PHE A 264 0.33 -3.16 -4.32
N LEU A 265 -0.35 -2.29 -5.08
CA LEU A 265 -0.83 -2.65 -6.42
C LEU A 265 0.36 -2.20 -7.33
N ARG A 266 1.14 -3.17 -7.80
CA ARG A 266 2.41 -2.96 -8.54
C ARG A 266 2.31 -3.39 -10.01
N PRO A 267 2.83 -2.64 -10.98
CA PRO A 267 2.70 -2.95 -12.40
C PRO A 267 3.45 -4.23 -12.75
N ASN A 268 3.05 -4.85 -13.84
CA ASN A 268 3.87 -5.83 -14.51
C ASN A 268 5.22 -5.29 -14.98
N ALA A 269 6.22 -6.19 -15.04
CA ALA A 269 7.54 -5.85 -15.56
C ALA A 269 7.50 -5.20 -16.94
N ASP A 270 6.51 -5.65 -17.72
CA ASP A 270 6.38 -5.19 -19.08
C ASP A 270 5.52 -3.95 -19.29
N PHE A 271 5.05 -3.29 -18.22
CA PHE A 271 4.34 -2.03 -18.28
C PHE A 271 5.18 -1.03 -19.02
N THR A 272 4.64 -0.40 -20.08
CA THR A 272 5.37 0.43 -20.99
C THR A 272 4.86 1.84 -20.95
N PHE A 273 5.80 2.76 -20.95
CA PHE A 273 5.47 4.19 -20.89
C PHE A 273 6.43 5.02 -21.80
N SER A 274 6.03 6.24 -22.04
CA SER A 274 6.79 7.25 -22.77
C SER A 274 7.93 7.83 -21.88
N VAL A 275 9.16 7.73 -22.36
CA VAL A 275 10.33 8.35 -21.70
C VAL A 275 10.22 9.86 -21.69
N PRO A 276 10.00 10.56 -22.80
CA PRO A 276 9.85 12.01 -22.66
C PRO A 276 8.76 12.44 -21.68
N LEU A 277 7.62 11.73 -21.69
CA LEU A 277 6.56 12.06 -20.73
C LEU A 277 7.01 11.89 -19.26
N ALA A 278 7.78 10.84 -18.98
CA ALA A 278 8.30 10.55 -17.63
C ALA A 278 9.15 11.77 -17.19
N ARG A 279 9.98 12.21 -18.11
CA ARG A 279 10.91 13.30 -17.83
C ARG A 279 10.06 14.49 -17.43
N GLU A 280 8.97 14.78 -18.13
CA GLU A 280 8.15 15.98 -17.91
C GLU A 280 7.52 16.03 -16.55
N CYS A 281 7.38 14.88 -15.91
CA CYS A 281 6.78 14.94 -14.57
C CYS A 281 7.66 14.69 -13.41
N GLY A 282 8.95 14.78 -13.66
CA GLY A 282 9.86 14.69 -12.54
C GLY A 282 10.72 13.46 -12.45
N PHE A 283 10.53 12.48 -13.33
CA PHE A 283 11.32 11.29 -13.22
C PHE A 283 12.70 11.47 -13.85
N ASP A 284 13.74 11.28 -13.05
CA ASP A 284 15.13 11.53 -13.48
C ASP A 284 15.70 10.30 -14.19
N VAL A 285 15.05 9.96 -15.33
CA VAL A 285 15.36 8.70 -16.05
C VAL A 285 16.63 8.83 -16.83
N SER A 286 17.32 7.70 -16.88
CA SER A 286 18.48 7.52 -17.71
C SER A 286 18.14 6.44 -18.68
N LEU A 287 17.24 6.74 -19.63
CA LEU A 287 16.72 5.74 -20.53
C LEU A 287 16.91 6.26 -21.94
N ASP A 288 17.55 5.47 -22.78
CA ASP A 288 17.80 5.92 -24.16
C ASP A 288 16.52 5.61 -24.95
N GLY A 289 16.30 6.39 -25.99
CA GLY A 289 15.07 6.16 -26.76
C GLY A 289 13.73 6.52 -26.14
N GLU A 290 12.66 6.18 -26.87
CA GLU A 290 11.41 6.85 -26.65
C GLU A 290 10.35 6.17 -25.73
N THR A 291 10.42 4.87 -25.60
CA THR A 291 9.56 4.16 -24.65
C THR A 291 10.42 3.30 -23.79
N ALA A 292 9.87 2.93 -22.65
CA ALA A 292 10.58 1.95 -21.78
C ALA A 292 9.62 1.20 -20.98
N THR A 293 10.07 0.11 -20.35
CA THR A 293 9.25 -0.74 -19.48
C THR A 293 9.63 -0.48 -18.02
N PHE A 294 8.71 -0.92 -17.19
CA PHE A 294 8.97 -0.85 -15.78
C PHE A 294 10.28 -1.55 -15.41
N GLN A 295 10.54 -2.72 -15.95
CA GLN A 295 11.78 -3.42 -15.72
C GLN A 295 12.97 -2.54 -16.21
N ASP A 296 12.87 -1.88 -17.37
CA ASP A 296 13.96 -1.00 -17.79
C ASP A 296 14.31 0.08 -16.71
N TRP A 297 13.30 0.61 -16.12
CA TRP A 297 13.39 1.75 -15.20
C TRP A 297 13.87 1.30 -13.83
N ILE A 298 13.21 0.29 -13.24
CA ILE A 298 13.52 -0.05 -11.85
CA ILE A 298 13.41 -0.09 -11.84
C ILE A 298 14.52 -1.14 -11.75
N GLY A 299 14.72 -1.96 -12.82
CA GLY A 299 15.59 -3.07 -12.79
C GLY A 299 14.88 -4.42 -12.59
N GLY A 300 15.61 -5.46 -12.24
CA GLY A 300 15.07 -6.80 -12.17
C GLY A 300 14.53 -7.28 -10.85
N ASN A 301 14.58 -6.44 -9.85
CA ASN A 301 13.84 -6.72 -8.64
C ASN A 301 12.84 -5.62 -8.31
N TYR A 302 11.65 -5.94 -7.87
CA TYR A 302 10.70 -4.89 -7.37
C TYR A 302 11.34 -4.02 -6.31
N VAL A 303 11.06 -2.71 -6.39
CA VAL A 303 11.43 -1.74 -5.44
C VAL A 303 10.15 -1.09 -5.01
N ASN A 304 9.76 -1.27 -3.76
CA ASN A 304 8.46 -0.80 -3.37
C ASN A 304 8.36 0.62 -2.89
N ILE A 305 9.46 1.23 -2.45
CA ILE A 305 9.46 2.53 -1.84
C ILE A 305 10.75 3.22 -2.19
N ARG A 306 10.74 4.52 -2.04
CA ARG A 306 11.89 5.35 -2.41
C ARG A 306 11.98 6.55 -1.49
N ARG A 307 13.19 6.87 -1.03
CA ARG A 307 13.41 8.23 -0.43
C ARG A 307 13.87 9.37 -1.40
N THR A 308 13.45 10.59 -1.07
CA THR A 308 13.79 11.77 -1.90
C THR A 308 15.34 12.01 -1.88
N SER A 309 15.98 11.69 -0.75
CA SER A 309 17.46 11.74 -0.58
C SER A 309 18.22 10.71 -1.44
N LYS A 310 18.68 9.66 -0.96
#